data_6JH9
#
_entry.id   6JH9
#
_cell.length_a   195.350
_cell.length_b   56.368
_cell.length_c   38.478
_cell.angle_alpha   90.00
_cell.angle_beta   93.66
_cell.angle_gamma   90.00
#
_symmetry.space_group_name_H-M   'C 1 2 1'
#
loop_
_entity.id
_entity.type
_entity.pdbx_description
1 polymer 'Actin, alpha skeletal muscle'
2 polymer 'Cordon-Bleu MIM chimeric peptide'
3 non-polymer "ADENOSINE-5'-TRIPHOSPHATE"
4 non-polymer 'CALCIUM ION'
5 non-polymer GLYCEROL
6 water water
#
loop_
_entity_poly.entity_id
_entity_poly.type
_entity_poly.pdbx_seq_one_letter_code
_entity_poly.pdbx_strand_id
1 'polypeptide(L)'
;MCDEDETTALVCDNGSGLVKAGFAGDDAPRAVFPSIVGRPRHQGVMVGMGQKDSYVGDEAQSKRGILTLKYPIE(HIC)G
IITNWDDMEKIWHHTFYNELRVAPEEHPTLLTEAPLNPKANREKMTQIMFETFNVPAMYVAIQAVLSLYASGRTTGIVLD
SGDGVTHNVPIYEGYALPHAIMRLDLAGRDLTDYLMKILTERGYSFVTTAEREIVRDIKEKLCYVALDFENEMATAASSS
SLEKSYELPDGQVITIGNERFRCPETLFQPSFIGMESAGIHETTYNSIMKCDIDIRKDLYANNVMSGGTTMYPGIADRMQ
KEITALAPSTMKIKIIAPPERKYSVWIGGSILASLSTFQQMWITKQEYDEAGPSIVHRKCF
;
A
2 'polypeptide(L)' PSLHDALMEAIRSSGGRERLRKVTTNDRS B
#
# COMPACT_ATOMS: atom_id res chain seq x y z
N THR A 8 23.62 2.07 -7.22
CA THR A 8 22.19 1.87 -7.44
C THR A 8 21.58 0.99 -6.37
N ALA A 9 20.93 1.60 -5.40
CA ALA A 9 20.19 0.85 -4.41
C ALA A 9 18.89 0.32 -4.99
N LEU A 10 18.43 -0.81 -4.47
CA LEU A 10 17.15 -1.38 -4.84
C LEU A 10 16.07 -0.92 -3.86
N VAL A 11 14.83 -0.93 -4.34
CA VAL A 11 13.66 -0.65 -3.51
C VAL A 11 12.65 -1.76 -3.76
N CYS A 12 12.34 -2.52 -2.72
N CYS A 12 12.33 -2.52 -2.72
CA CYS A 12 11.38 -3.62 -2.79
CA CYS A 12 11.37 -3.62 -2.81
C CYS A 12 10.25 -3.34 -1.80
C CYS A 12 10.25 -3.36 -1.81
N ASP A 13 9.06 -3.10 -2.32
CA ASP A 13 7.87 -2.85 -1.49
C ASP A 13 6.99 -4.10 -1.55
N ASN A 14 7.04 -4.91 -0.50
CA ASN A 14 6.32 -6.18 -0.45
C ASN A 14 4.95 -5.96 0.19
N GLY A 15 3.89 -6.19 -0.58
CA GLY A 15 2.53 -6.06 -0.10
C GLY A 15 1.84 -7.42 0.01
N SER A 16 0.68 -7.41 0.68
CA SER A 16 -0.12 -8.63 0.81
C SER A 16 -0.51 -9.18 -0.55
N GLY A 17 -0.78 -8.31 -1.51
CA GLY A 17 -1.23 -8.75 -2.81
C GLY A 17 -0.21 -8.57 -3.92
N LEU A 18 0.58 -7.50 -3.85
CA LEU A 18 1.44 -7.08 -4.96
C LEU A 18 2.85 -6.75 -4.48
N VAL A 19 3.84 -7.25 -5.22
CA VAL A 19 5.23 -6.81 -5.05
C VAL A 19 5.45 -5.62 -5.96
N LYS A 20 6.09 -4.58 -5.43
CA LYS A 20 6.53 -3.42 -6.20
C LYS A 20 8.05 -3.32 -6.03
N ALA A 21 8.78 -3.44 -7.14
CA ALA A 21 10.23 -3.50 -7.06
C ALA A 21 10.85 -2.69 -8.21
N GLY A 22 11.98 -2.06 -7.90
CA GLY A 22 12.71 -1.28 -8.88
C GLY A 22 14.01 -0.73 -8.33
N PHE A 23 14.47 0.39 -8.89
CA PHE A 23 15.76 0.97 -8.56
C PHE A 23 15.56 2.36 -7.97
N ALA A 24 16.24 2.63 -6.86
CA ALA A 24 16.19 3.95 -6.24
C ALA A 24 16.61 5.03 -7.23
N GLY A 25 15.87 6.13 -7.24
CA GLY A 25 16.07 7.18 -8.20
C GLY A 25 15.12 7.16 -9.38
N ASP A 26 14.49 6.01 -9.64
CA ASP A 26 13.48 5.91 -10.68
C ASP A 26 12.14 6.40 -10.15
N ASP A 27 11.27 6.81 -11.08
CA ASP A 27 9.99 7.42 -10.71
C ASP A 27 8.88 6.39 -10.56
N ALA A 28 9.15 5.12 -10.82
CA ALA A 28 8.14 4.07 -10.72
C ALA A 28 8.86 2.74 -10.59
N PRO A 29 8.21 1.72 -10.03
CA PRO A 29 8.85 0.39 -9.97
C PRO A 29 8.96 -0.21 -11.35
N ARG A 30 10.06 -0.91 -11.60
CA ARG A 30 10.23 -1.62 -12.86
C ARG A 30 9.27 -2.79 -12.98
N ALA A 31 8.94 -3.43 -11.85
CA ALA A 31 8.17 -4.66 -11.87
C ALA A 31 7.10 -4.62 -10.79
N VAL A 32 5.88 -4.99 -11.18
CA VAL A 32 4.76 -5.18 -10.26
C VAL A 32 4.11 -6.51 -10.60
N PHE A 33 3.98 -7.39 -9.60
CA PHE A 33 3.48 -8.73 -9.84
C PHE A 33 2.89 -9.27 -8.55
N PRO A 34 2.00 -10.27 -8.64
CA PRO A 34 1.32 -10.75 -7.44
C PRO A 34 2.27 -11.45 -6.48
N SER A 35 2.07 -11.17 -5.18
CA SER A 35 2.86 -11.77 -4.11
C SER A 35 2.33 -13.17 -3.81
N ILE A 36 2.55 -14.08 -4.77
CA ILE A 36 2.01 -15.44 -4.66
C ILE A 36 3.08 -16.46 -5.01
N VAL A 37 2.93 -17.66 -4.45
CA VAL A 37 3.70 -18.83 -4.82
C VAL A 37 2.69 -19.96 -5.05
N GLY A 38 2.84 -20.67 -6.17
CA GLY A 38 1.90 -21.69 -6.56
C GLY A 38 2.54 -23.07 -6.63
N ARG A 39 1.76 -24.08 -6.29
CA ARG A 39 2.15 -25.48 -6.35
C ARG A 39 1.04 -26.29 -7.01
N PRO A 40 1.38 -27.40 -7.65
CA PRO A 40 0.37 -28.21 -8.36
C PRO A 40 -0.77 -28.62 -7.44
N ARG A 41 -2.00 -28.46 -7.95
CA ARG A 41 -3.20 -28.82 -7.20
C ARG A 41 -3.21 -30.30 -6.83
N LYS A 52 6.52 -27.72 -12.85
CA LYS A 52 7.68 -27.92 -12.00
C LYS A 52 7.30 -27.89 -10.52
N ASP A 53 8.27 -27.60 -9.66
CA ASP A 53 8.03 -27.61 -8.22
C ASP A 53 7.13 -26.45 -7.80
N SER A 54 7.59 -25.22 -8.01
CA SER A 54 6.85 -24.05 -7.58
C SER A 54 6.86 -23.01 -8.69
N TYR A 55 5.83 -22.16 -8.67
CA TYR A 55 5.68 -21.05 -9.60
C TYR A 55 5.51 -19.78 -8.78
N VAL A 56 6.29 -18.75 -9.10
CA VAL A 56 6.36 -17.54 -8.30
C VAL A 56 5.88 -16.36 -9.13
N GLY A 57 5.05 -15.52 -8.54
CA GLY A 57 4.58 -14.32 -9.20
C GLY A 57 3.58 -14.57 -10.32
N ASP A 58 3.92 -14.10 -11.51
CA ASP A 58 2.97 -14.10 -12.61
C ASP A 58 2.86 -15.44 -13.28
N GLU A 59 3.96 -16.18 -13.38
CA GLU A 59 3.86 -17.53 -13.88
C GLU A 59 2.96 -18.39 -13.01
N ALA A 60 2.85 -18.11 -11.70
CA ALA A 60 1.78 -18.69 -10.89
C ALA A 60 0.43 -18.09 -11.27
N GLN A 61 0.38 -16.79 -11.57
CA GLN A 61 -0.88 -16.16 -11.93
C GLN A 61 -1.38 -16.66 -13.28
N SER A 62 -0.50 -16.66 -14.29
CA SER A 62 -0.86 -17.17 -15.61
C SER A 62 -1.18 -18.66 -15.58
N LYS A 63 -0.93 -19.34 -14.46
CA LYS A 63 -1.37 -20.70 -14.21
C LYS A 63 -2.23 -20.75 -12.96
N ARG A 64 -3.17 -19.82 -12.83
CA ARG A 64 -4.04 -19.81 -11.66
C ARG A 64 -5.07 -20.94 -11.69
N GLY A 65 -5.10 -21.75 -12.75
CA GLY A 65 -6.13 -22.77 -12.92
C GLY A 65 -5.81 -24.19 -12.47
N ILE A 66 -4.53 -24.58 -12.40
CA ILE A 66 -4.18 -25.95 -12.04
C ILE A 66 -3.14 -25.98 -10.91
N LEU A 67 -2.93 -24.84 -10.26
CA LEU A 67 -2.06 -24.73 -9.11
C LEU A 67 -2.85 -24.20 -7.91
N THR A 68 -2.36 -24.48 -6.72
CA THR A 68 -2.86 -23.86 -5.49
C THR A 68 -1.93 -22.72 -5.12
N LEU A 69 -2.49 -21.51 -4.98
CA LEU A 69 -1.71 -20.32 -4.69
C LEU A 69 -1.65 -20.08 -3.19
N LYS A 70 -0.48 -19.60 -2.73
CA LYS A 70 -0.30 -19.25 -1.33
C LYS A 70 0.26 -17.83 -1.26
N TYR A 71 -0.19 -17.09 -0.25
CA TYR A 71 0.21 -15.69 -0.05
C TYR A 71 1.13 -15.61 1.15
N PRO A 72 2.45 -15.46 0.98
CA PRO A 72 3.35 -15.41 2.13
C PRO A 72 3.17 -14.19 3.02
N ILE A 73 2.46 -13.16 2.56
CA ILE A 73 2.17 -11.97 3.36
C ILE A 73 0.66 -11.92 3.59
N GLU A 74 0.24 -11.94 4.85
CA GLU A 74 -1.17 -11.77 5.19
C GLU A 74 -1.34 -10.55 6.08
N GLY A 76 -0.50 -7.64 5.67
CA GLY A 76 0.73 -6.86 5.67
C GLY A 76 1.92 -7.47 6.38
N ILE A 77 1.75 -8.67 6.95
CA ILE A 77 2.76 -9.32 7.77
C ILE A 77 3.24 -10.58 7.07
N ILE A 78 4.56 -10.75 6.98
CA ILE A 78 5.14 -11.97 6.42
C ILE A 78 4.85 -13.13 7.37
N THR A 79 4.19 -14.16 6.86
CA THR A 79 3.83 -15.33 7.67
C THR A 79 4.38 -16.65 7.14
N ASN A 80 4.83 -16.71 5.88
CA ASN A 80 5.43 -17.91 5.30
C ASN A 80 6.81 -17.52 4.79
N TRP A 81 7.85 -17.80 5.59
CA TRP A 81 9.19 -17.29 5.26
C TRP A 81 9.84 -18.08 4.14
N ASP A 82 9.50 -19.35 3.96
CA ASP A 82 10.05 -20.11 2.84
C ASP A 82 9.56 -19.56 1.51
N ASP A 83 8.25 -19.31 1.40
CA ASP A 83 7.71 -18.76 0.18
C ASP A 83 8.10 -17.29 -0.01
N MET A 84 8.28 -16.55 1.10
CA MET A 84 8.78 -15.19 0.98
C MET A 84 10.18 -15.17 0.39
N GLU A 85 11.02 -16.13 0.78
CA GLU A 85 12.35 -16.26 0.17
C GLU A 85 12.25 -16.49 -1.33
N LYS A 86 11.26 -17.28 -1.76
CA LYS A 86 11.05 -17.50 -3.19
C LYS A 86 10.64 -16.21 -3.89
N ILE A 87 9.83 -15.39 -3.22
CA ILE A 87 9.43 -14.11 -3.79
C ILE A 87 10.65 -13.19 -3.94
N TRP A 88 11.47 -13.12 -2.89
CA TRP A 88 12.65 -12.26 -2.93
C TRP A 88 13.65 -12.75 -3.98
N HIS A 89 13.85 -14.07 -4.07
CA HIS A 89 14.72 -14.60 -5.12
C HIS A 89 14.18 -14.25 -6.50
N HIS A 90 12.89 -14.44 -6.72
CA HIS A 90 12.28 -14.11 -8.01
C HIS A 90 12.40 -12.63 -8.32
N THR A 91 12.24 -11.77 -7.31
CA THR A 91 12.37 -10.34 -7.53
C THR A 91 13.78 -9.97 -7.99
N PHE A 92 14.79 -10.47 -7.29
CA PHE A 92 16.18 -10.12 -7.61
C PHE A 92 16.57 -10.64 -8.98
N TYR A 93 16.44 -11.95 -9.19
CA TYR A 93 17.03 -12.60 -10.35
C TYR A 93 16.14 -12.55 -11.59
N ASN A 94 14.85 -12.79 -11.43
CA ASN A 94 13.96 -12.89 -12.59
C ASN A 94 13.42 -11.53 -13.04
N GLU A 95 13.09 -10.66 -12.11
CA GLU A 95 12.44 -9.39 -12.43
C GLU A 95 13.45 -8.26 -12.62
N LEU A 96 14.25 -8.00 -11.60
CA LEU A 96 15.22 -6.90 -11.68
C LEU A 96 16.50 -7.29 -12.39
N ARG A 97 16.81 -8.58 -12.49
CA ARG A 97 18.01 -9.07 -13.15
C ARG A 97 19.27 -8.45 -12.55
N VAL A 98 19.40 -8.60 -11.24
CA VAL A 98 20.55 -8.07 -10.50
C VAL A 98 21.07 -9.15 -9.59
N ALA A 99 22.37 -9.08 -9.29
CA ALA A 99 22.95 -9.85 -8.21
C ALA A 99 22.78 -9.08 -6.92
N PRO A 100 22.07 -9.61 -5.92
CA PRO A 100 21.85 -8.86 -4.68
C PRO A 100 23.15 -8.49 -3.96
N GLU A 101 24.25 -9.17 -4.24
CA GLU A 101 25.52 -8.83 -3.61
C GLU A 101 26.03 -7.45 -4.01
N GLU A 102 25.54 -6.90 -5.11
CA GLU A 102 26.04 -5.64 -5.66
C GLU A 102 25.13 -4.45 -5.37
N HIS A 103 24.04 -4.64 -4.64
CA HIS A 103 23.10 -3.54 -4.48
C HIS A 103 22.57 -3.43 -3.05
N PRO A 104 22.71 -2.28 -2.41
CA PRO A 104 21.95 -2.04 -1.17
C PRO A 104 20.46 -2.13 -1.47
N THR A 105 19.72 -2.73 -0.54
CA THR A 105 18.31 -3.07 -0.78
C THR A 105 17.45 -2.48 0.33
N LEU A 106 16.57 -1.54 -0.03
CA LEU A 106 15.59 -1.00 0.89
C LEU A 106 14.33 -1.85 0.84
N LEU A 107 13.89 -2.33 2.01
CA LEU A 107 12.66 -3.07 2.13
C LEU A 107 11.66 -2.27 2.94
N THR A 108 10.38 -2.63 2.82
CA THR A 108 9.30 -1.96 3.53
C THR A 108 8.61 -2.94 4.46
N GLU A 109 7.99 -2.40 5.51
CA GLU A 109 7.27 -3.19 6.48
C GLU A 109 5.96 -2.50 6.83
N ALA A 110 5.03 -3.29 7.33
CA ALA A 110 3.76 -2.75 7.81
C ALA A 110 3.97 -2.04 9.15
N PRO A 111 3.08 -1.10 9.48
CA PRO A 111 3.12 -0.50 10.82
C PRO A 111 2.97 -1.58 11.88
N LEU A 112 3.74 -1.44 12.97
CA LEU A 112 3.69 -2.34 14.11
C LEU A 112 4.16 -3.75 13.74
N ASN A 113 5.02 -3.86 12.74
CA ASN A 113 5.59 -5.15 12.36
C ASN A 113 6.34 -5.74 13.55
N PRO A 114 6.05 -6.98 13.93
CA PRO A 114 6.70 -7.56 15.12
C PRO A 114 8.23 -7.58 15.01
N LYS A 115 8.88 -7.38 16.16
CA LYS A 115 10.34 -7.31 16.20
C LYS A 115 10.98 -8.56 15.62
N ALA A 116 10.41 -9.73 15.90
CA ALA A 116 10.96 -10.97 15.36
C ALA A 116 10.90 -11.00 13.83
N ASN A 117 9.87 -10.36 13.25
CA ASN A 117 9.72 -10.37 11.80
C ASN A 117 10.79 -9.52 11.13
N ARG A 118 10.98 -8.28 11.61
CA ARG A 118 11.98 -7.42 11.01
C ARG A 118 13.39 -7.96 11.22
N GLU A 119 13.64 -8.65 12.33
CA GLU A 119 14.94 -9.26 12.55
C GLU A 119 15.20 -10.39 11.57
N LYS A 120 14.17 -11.19 11.27
CA LYS A 120 14.37 -12.28 10.31
C LYS A 120 14.46 -11.76 8.88
N MET A 121 13.76 -10.65 8.59
N MET A 121 13.80 -10.63 8.59
CA MET A 121 13.98 -9.96 7.31
CA MET A 121 14.00 -10.00 7.29
C MET A 121 15.45 -9.61 7.13
C MET A 121 15.46 -9.56 7.10
N THR A 122 16.06 -9.01 8.15
CA THR A 122 17.47 -8.61 8.08
C THR A 122 18.37 -9.82 7.92
N GLN A 123 18.12 -10.87 8.70
CA GLN A 123 18.96 -12.06 8.66
C GLN A 123 18.93 -12.71 7.28
N ILE A 124 17.76 -12.80 6.66
CA ILE A 124 17.66 -13.45 5.35
C ILE A 124 18.36 -12.62 4.29
N MET A 125 18.22 -11.29 4.36
CA MET A 125 18.85 -10.43 3.36
C MET A 125 20.37 -10.57 3.41
N PHE A 126 20.95 -10.55 4.61
CA PHE A 126 22.40 -10.61 4.75
C PHE A 126 22.93 -12.03 4.56
N GLU A 127 22.29 -13.01 5.19
CA GLU A 127 22.83 -14.37 5.19
C GLU A 127 22.43 -15.19 3.98
N THR A 128 21.23 -14.98 3.44
CA THR A 128 20.79 -15.77 2.28
C THR A 128 21.09 -15.07 0.96
N PHE A 129 20.82 -13.77 0.87
CA PHE A 129 21.02 -13.04 -0.38
C PHE A 129 22.31 -12.23 -0.40
N ASN A 130 23.01 -12.12 0.72
CA ASN A 130 24.34 -11.52 0.79
C ASN A 130 24.35 -10.09 0.24
N VAL A 131 23.36 -9.30 0.66
CA VAL A 131 23.31 -7.89 0.26
C VAL A 131 24.45 -7.15 0.95
N PRO A 132 25.05 -6.14 0.32
CA PRO A 132 26.07 -5.35 1.00
C PRO A 132 25.50 -4.43 2.06
N ALA A 133 24.23 -4.05 1.92
CA ALA A 133 23.58 -3.15 2.86
C ALA A 133 22.07 -3.28 2.66
N MET A 134 21.32 -2.92 3.69
CA MET A 134 19.86 -2.97 3.60
C MET A 134 19.26 -2.01 4.62
N TYR A 135 17.94 -1.90 4.58
CA TYR A 135 17.17 -1.00 5.43
C TYR A 135 15.71 -1.45 5.37
N VAL A 136 14.99 -1.23 6.46
CA VAL A 136 13.55 -1.52 6.54
C VAL A 136 12.84 -0.25 6.95
N ALA A 137 11.96 0.25 6.09
CA ALA A 137 11.18 1.45 6.35
C ALA A 137 9.69 1.11 6.49
N ILE A 138 9.00 1.90 7.31
CA ILE A 138 7.55 1.73 7.47
C ILE A 138 6.84 2.23 6.21
N GLN A 139 5.94 1.41 5.68
CA GLN A 139 5.30 1.70 4.40
C GLN A 139 4.60 3.06 4.40
N ALA A 140 3.79 3.33 5.42
CA ALA A 140 3.05 4.58 5.44
C ALA A 140 3.96 5.79 5.53
N VAL A 141 5.09 5.66 6.24
CA VAL A 141 6.05 6.76 6.31
C VAL A 141 6.58 7.10 4.94
N LEU A 142 6.90 6.08 4.13
CA LEU A 142 7.41 6.32 2.78
C LEU A 142 6.37 7.05 1.93
N SER A 143 5.08 6.72 2.11
CA SER A 143 4.05 7.41 1.33
C SER A 143 3.98 8.89 1.69
N LEU A 144 4.16 9.22 2.97
CA LEU A 144 4.22 10.61 3.37
C LEU A 144 5.40 11.32 2.72
N TYR A 145 6.56 10.66 2.73
CA TYR A 145 7.75 11.23 2.10
C TYR A 145 7.50 11.50 0.62
N ALA A 146 6.77 10.60 -0.05
CA ALA A 146 6.54 10.76 -1.49
C ALA A 146 5.77 12.03 -1.81
N SER A 147 4.95 12.52 -0.87
CA SER A 147 4.19 13.74 -1.05
C SER A 147 4.95 14.96 -0.55
N GLY A 148 6.24 14.84 -0.29
CA GLY A 148 7.04 15.96 0.18
C GLY A 148 6.85 16.33 1.64
N ARG A 149 6.21 15.47 2.43
CA ARG A 149 5.92 15.79 3.82
C ARG A 149 6.71 14.89 4.77
N THR A 150 7.00 15.44 5.95
CA THR A 150 7.58 14.66 7.04
C THR A 150 6.71 14.65 8.28
N THR A 151 5.63 15.43 8.31
CA THR A 151 4.59 15.34 9.33
C THR A 151 3.24 15.20 8.64
N GLY A 152 2.38 14.36 9.20
CA GLY A 152 1.06 14.14 8.63
C GLY A 152 0.49 12.83 9.13
N ILE A 153 -0.71 12.53 8.65
CA ILE A 153 -1.36 11.26 8.94
C ILE A 153 -1.73 10.59 7.62
N VAL A 154 -1.29 9.35 7.45
CA VAL A 154 -1.47 8.60 6.21
C VAL A 154 -2.58 7.59 6.39
N LEU A 155 -3.47 7.50 5.40
CA LEU A 155 -4.39 6.38 5.28
C LEU A 155 -3.86 5.48 4.18
N ASP A 156 -3.36 4.30 4.56
CA ASP A 156 -2.78 3.33 3.64
C ASP A 156 -3.72 2.13 3.55
N SER A 157 -4.29 1.92 2.36
CA SER A 157 -5.23 0.82 2.15
C SER A 157 -4.81 0.06 0.90
N GLY A 158 -4.44 -1.20 1.08
CA GLY A 158 -3.97 -2.00 -0.03
C GLY A 158 -4.89 -3.15 -0.38
N ASP A 159 -4.36 -4.37 -0.37
CA ASP A 159 -5.12 -5.57 -0.71
C ASP A 159 -5.60 -6.33 0.51
N GLY A 160 -4.86 -6.29 1.61
CA GLY A 160 -5.18 -7.11 2.76
C GLY A 160 -5.48 -6.36 4.04
N VAL A 161 -4.97 -5.13 4.18
CA VAL A 161 -5.10 -4.40 5.44
C VAL A 161 -5.20 -2.90 5.15
N THR A 162 -5.81 -2.17 6.09
CA THR A 162 -5.91 -0.72 6.04
C THR A 162 -5.40 -0.16 7.36
N HIS A 163 -4.57 0.88 7.29
CA HIS A 163 -3.98 1.49 8.48
C HIS A 163 -4.13 3.01 8.43
N ASN A 164 -4.28 3.60 9.60
CA ASN A 164 -4.05 5.02 9.81
C ASN A 164 -2.76 5.19 10.58
N VAL A 165 -1.81 5.93 10.01
CA VAL A 165 -0.50 6.10 10.63
C VAL A 165 -0.21 7.59 10.81
N PRO A 166 -0.34 8.13 12.01
CA PRO A 166 0.10 9.50 12.25
C PRO A 166 1.61 9.56 12.44
N ILE A 167 2.22 10.58 11.85
CA ILE A 167 3.67 10.66 11.73
C ILE A 167 4.11 12.06 12.13
N TYR A 168 5.08 12.14 13.05
CA TYR A 168 5.66 13.42 13.45
C TYR A 168 7.15 13.39 13.12
N GLU A 169 7.54 14.19 12.13
CA GLU A 169 8.92 14.36 11.69
C GLU A 169 9.62 13.02 11.48
N GLY A 170 9.03 12.22 10.60
CA GLY A 170 9.59 10.95 10.20
C GLY A 170 9.36 9.80 11.15
N TYR A 171 8.73 10.03 12.29
CA TYR A 171 8.50 8.99 13.29
C TYR A 171 7.00 8.69 13.37
N ALA A 172 6.63 7.44 13.09
CA ALA A 172 5.27 7.02 13.34
C ALA A 172 4.99 7.00 14.83
N LEU A 173 3.76 7.36 15.21
CA LEU A 173 3.37 7.39 16.61
C LEU A 173 2.62 6.11 16.94
N PRO A 174 3.27 5.10 17.52
CA PRO A 174 2.67 3.75 17.56
C PRO A 174 1.38 3.67 18.35
N HIS A 175 1.24 4.44 19.43
CA HIS A 175 0.05 4.34 20.25
C HIS A 175 -1.19 4.87 19.53
N ALA A 176 -1.02 5.66 18.47
CA ALA A 176 -2.14 6.24 17.74
C ALA A 176 -2.40 5.56 16.40
N ILE A 177 -1.61 4.55 16.05
CA ILE A 177 -1.85 3.81 14.81
C ILE A 177 -3.17 3.06 14.92
N MET A 178 -4.03 3.24 13.92
CA MET A 178 -5.29 2.52 13.85
C MET A 178 -5.26 1.52 12.71
N ARG A 179 -6.08 0.49 12.83
CA ARG A 179 -6.13 -0.59 11.84
C ARG A 179 -7.57 -0.91 11.49
N LEU A 180 -7.78 -1.26 10.23
CA LEU A 180 -9.05 -1.81 9.76
C LEU A 180 -8.72 -3.03 8.92
N ASP A 181 -9.18 -4.19 9.35
CA ASP A 181 -8.83 -5.45 8.68
C ASP A 181 -9.77 -5.71 7.50
N LEU A 182 -9.76 -4.75 6.57
N LEU A 182 -9.85 -4.73 6.59
CA LEU A 182 -10.60 -4.73 5.38
CA LEU A 182 -10.57 -4.88 5.35
C LEU A 182 -9.86 -3.95 4.32
C LEU A 182 -9.91 -3.99 4.32
N ALA A 183 -9.73 -4.52 3.12
CA ALA A 183 -9.04 -3.79 2.06
C ALA A 183 -9.50 -4.34 0.71
N GLY A 184 -8.62 -4.28 -0.30
CA GLY A 184 -9.05 -4.47 -1.67
C GLY A 184 -9.60 -5.86 -1.94
N ARG A 185 -9.00 -6.88 -1.35
CA ARG A 185 -9.46 -8.24 -1.59
C ARG A 185 -10.88 -8.44 -1.08
N ASP A 186 -11.18 -7.89 0.10
CA ASP A 186 -12.54 -7.94 0.63
C ASP A 186 -13.52 -7.20 -0.27
N LEU A 187 -13.10 -6.05 -0.80
CA LEU A 187 -13.97 -5.28 -1.70
C LEU A 187 -14.23 -6.05 -2.99
N THR A 188 -13.19 -6.70 -3.54
CA THR A 188 -13.41 -7.56 -4.71
C THR A 188 -14.41 -8.66 -4.41
N ASP A 189 -14.24 -9.34 -3.27
CA ASP A 189 -15.19 -10.39 -2.89
C ASP A 189 -16.60 -9.85 -2.75
N TYR A 190 -16.74 -8.63 -2.22
CA TYR A 190 -18.06 -8.07 -1.99
C TYR A 190 -18.72 -7.67 -3.30
N LEU A 191 -17.95 -7.08 -4.22
CA LEU A 191 -18.49 -6.79 -5.55
C LEU A 191 -18.91 -8.08 -6.26
N MET A 192 -18.12 -9.15 -6.09
CA MET A 192 -18.54 -10.44 -6.62
C MET A 192 -19.88 -10.86 -6.03
N LYS A 193 -20.04 -10.72 -4.72
CA LYS A 193 -21.27 -11.15 -4.07
C LYS A 193 -22.48 -10.36 -4.57
N ILE A 194 -22.36 -9.04 -4.68
CA ILE A 194 -23.53 -8.25 -5.04
C ILE A 194 -23.80 -8.29 -6.54
N LEU A 195 -22.78 -8.54 -7.37
CA LEU A 195 -23.05 -8.74 -8.79
C LEU A 195 -23.80 -10.05 -9.03
N THR A 196 -23.54 -11.08 -8.21
CA THR A 196 -24.27 -12.33 -8.38
C THR A 196 -25.70 -12.22 -7.85
N GLU A 197 -25.89 -11.44 -6.78
CA GLU A 197 -27.25 -11.14 -6.33
C GLU A 197 -28.02 -10.36 -7.40
N ARG A 198 -27.32 -9.67 -8.30
CA ARG A 198 -27.96 -9.01 -9.42
C ARG A 198 -28.38 -9.98 -10.51
N GLY A 199 -27.76 -11.15 -10.58
CA GLY A 199 -28.09 -12.14 -11.60
C GLY A 199 -26.92 -12.60 -12.44
N TYR A 200 -25.70 -12.13 -12.18
CA TYR A 200 -24.53 -12.57 -12.92
C TYR A 200 -23.87 -13.75 -12.21
N SER A 201 -22.93 -14.39 -12.90
CA SER A 201 -22.19 -15.52 -12.34
C SER A 201 -20.70 -15.23 -12.45
N PHE A 202 -20.03 -15.16 -11.31
CA PHE A 202 -18.57 -14.99 -11.23
C PHE A 202 -18.08 -16.02 -10.20
N VAL A 203 -17.73 -17.21 -10.69
CA VAL A 203 -17.33 -18.32 -9.83
C VAL A 203 -15.91 -18.78 -10.10
N THR A 204 -15.48 -18.78 -11.36
CA THR A 204 -14.13 -19.25 -11.68
C THR A 204 -13.09 -18.24 -11.22
N THR A 205 -11.84 -18.67 -11.20
CA THR A 205 -10.75 -17.75 -10.87
C THR A 205 -10.59 -16.69 -11.95
N ALA A 206 -10.81 -17.05 -13.21
CA ALA A 206 -10.77 -16.06 -14.28
C ALA A 206 -11.88 -15.04 -14.13
N GLU A 207 -13.06 -15.49 -13.67
CA GLU A 207 -14.17 -14.56 -13.47
C GLU A 207 -13.93 -13.66 -12.26
N ARG A 208 -13.23 -14.14 -11.24
CA ARG A 208 -12.86 -13.27 -10.14
C ARG A 208 -11.94 -12.15 -10.61
N GLU A 209 -11.02 -12.45 -11.53
CA GLU A 209 -10.16 -11.42 -12.08
C GLU A 209 -10.95 -10.39 -12.89
N ILE A 210 -12.05 -10.81 -13.51
CA ILE A 210 -12.94 -9.86 -14.18
C ILE A 210 -13.58 -8.93 -13.16
N VAL A 211 -14.02 -9.48 -12.02
CA VAL A 211 -14.64 -8.65 -10.99
C VAL A 211 -13.64 -7.64 -10.44
N ARG A 212 -12.39 -8.06 -10.24
CA ARG A 212 -11.37 -7.12 -9.78
C ARG A 212 -11.19 -6.00 -10.79
N ASP A 213 -11.24 -6.32 -12.09
CA ASP A 213 -11.07 -5.29 -13.11
C ASP A 213 -12.26 -4.35 -13.15
N ILE A 214 -13.48 -4.88 -13.00
CA ILE A 214 -14.66 -4.01 -12.88
C ILE A 214 -14.52 -3.09 -11.69
N LYS A 215 -14.06 -3.63 -10.56
CA LYS A 215 -13.86 -2.81 -9.36
C LYS A 215 -12.91 -1.66 -9.63
N GLU A 216 -11.76 -1.95 -10.24
CA GLU A 216 -10.74 -0.94 -10.41
C GLU A 216 -11.08 0.06 -11.51
N LYS A 217 -11.99 -0.28 -12.42
CA LYS A 217 -12.29 0.58 -13.55
C LYS A 217 -13.58 1.38 -13.40
N LEU A 218 -14.59 0.85 -12.72
CA LEU A 218 -15.90 1.48 -12.70
C LEU A 218 -16.42 1.85 -11.32
N CYS A 219 -15.80 1.39 -10.24
CA CYS A 219 -16.31 1.71 -8.92
C CYS A 219 -15.91 3.12 -8.49
N TYR A 220 -16.70 3.70 -7.59
CA TYR A 220 -16.42 5.03 -7.06
C TYR A 220 -17.12 5.17 -5.72
N VAL A 221 -16.69 6.18 -4.96
CA VAL A 221 -17.26 6.47 -3.64
C VAL A 221 -18.30 7.57 -3.79
N ALA A 222 -19.52 7.30 -3.33
CA ALA A 222 -20.58 8.30 -3.37
C ALA A 222 -20.37 9.35 -2.29
N LEU A 223 -20.73 10.59 -2.61
CA LEU A 223 -20.66 11.64 -1.59
C LEU A 223 -21.68 11.37 -0.47
N ASP A 224 -22.83 10.83 -0.83
CA ASP A 224 -23.85 10.44 0.14
C ASP A 224 -24.51 9.16 -0.35
N PHE A 225 -24.45 8.11 0.48
CA PHE A 225 -24.88 6.79 0.04
C PHE A 225 -26.37 6.78 -0.33
N GLU A 226 -27.22 7.35 0.54
CA GLU A 226 -28.66 7.25 0.30
C GLU A 226 -29.07 8.07 -0.93
N ASN A 227 -28.53 9.29 -1.06
CA ASN A 227 -28.82 10.08 -2.25
C ASN A 227 -28.44 9.32 -3.52
N GLU A 228 -27.27 8.67 -3.50
CA GLU A 228 -26.80 7.97 -4.69
C GLU A 228 -27.66 6.74 -4.98
N MET A 229 -28.06 6.02 -3.93
CA MET A 229 -28.96 4.88 -4.14
C MET A 229 -30.28 5.34 -4.77
N ALA A 230 -30.80 6.49 -4.34
CA ALA A 230 -32.05 6.98 -4.90
C ALA A 230 -31.88 7.35 -6.37
N THR A 231 -30.75 7.95 -6.74
CA THR A 231 -30.51 8.25 -8.15
C THR A 231 -30.44 6.98 -8.99
N ALA A 232 -29.74 5.95 -8.50
CA ALA A 232 -29.63 4.71 -9.24
C ALA A 232 -30.96 3.96 -9.32
N ALA A 233 -31.88 4.22 -8.40
CA ALA A 233 -33.15 3.52 -8.39
C ALA A 233 -34.14 4.11 -9.39
N SER A 234 -34.02 5.40 -9.69
CA SER A 234 -35.00 6.11 -10.48
C SER A 234 -34.51 6.51 -11.86
N SER A 235 -33.28 6.17 -12.21
CA SER A 235 -32.72 6.54 -13.51
C SER A 235 -31.61 5.57 -13.86
N SER A 236 -31.19 5.62 -15.12
CA SER A 236 -30.04 4.86 -15.58
C SER A 236 -28.77 5.70 -15.64
N SER A 237 -28.78 6.89 -15.02
CA SER A 237 -27.70 7.85 -15.21
C SER A 237 -26.38 7.39 -14.60
N LEU A 238 -26.40 6.48 -13.63
CA LEU A 238 -25.18 5.98 -13.01
C LEU A 238 -24.74 4.63 -13.55
N GLU A 239 -25.43 4.10 -14.56
CA GLU A 239 -25.09 2.78 -15.06
C GLU A 239 -23.95 2.85 -16.07
N LYS A 240 -23.13 1.81 -16.08
CA LYS A 240 -21.97 1.73 -16.95
C LYS A 240 -21.97 0.41 -17.70
N SER A 241 -21.47 0.45 -18.94
CA SER A 241 -21.29 -0.75 -19.74
C SER A 241 -19.90 -1.33 -19.48
N TYR A 242 -19.84 -2.64 -19.32
CA TYR A 242 -18.58 -3.34 -19.19
C TYR A 242 -18.55 -4.49 -20.19
N GLU A 243 -17.52 -4.50 -21.04
CA GLU A 243 -17.34 -5.56 -22.03
C GLU A 243 -16.44 -6.64 -21.46
N LEU A 244 -16.98 -7.85 -21.34
CA LEU A 244 -16.20 -9.00 -20.89
C LEU A 244 -15.12 -9.34 -21.92
N PRO A 245 -14.09 -10.09 -21.53
CA PRO A 245 -13.02 -10.41 -22.50
C PRO A 245 -13.51 -11.14 -23.72
N ASP A 246 -14.57 -11.95 -23.61
CA ASP A 246 -15.07 -12.69 -24.76
C ASP A 246 -15.94 -11.83 -25.66
N GLY A 247 -16.59 -10.80 -25.11
CA GLY A 247 -17.39 -9.92 -25.93
C GLY A 247 -18.72 -9.49 -25.35
N GLN A 248 -19.29 -10.26 -24.41
CA GLN A 248 -20.56 -9.87 -23.81
C GLN A 248 -20.42 -8.54 -23.08
N VAL A 249 -21.50 -7.76 -23.11
CA VAL A 249 -21.58 -6.47 -22.43
C VAL A 249 -22.59 -6.61 -21.30
N ILE A 250 -22.15 -6.30 -20.08
CA ILE A 250 -23.04 -6.29 -18.93
C ILE A 250 -23.12 -4.86 -18.40
N THR A 251 -24.16 -4.61 -17.62
CA THR A 251 -24.43 -3.29 -17.06
C THR A 251 -24.15 -3.30 -15.57
N ILE A 252 -23.38 -2.32 -15.11
CA ILE A 252 -23.07 -2.14 -13.69
C ILE A 252 -23.80 -0.90 -13.22
N GLY A 253 -24.62 -1.04 -12.19
CA GLY A 253 -25.38 0.07 -11.64
C GLY A 253 -24.91 0.51 -10.28
N ASN A 254 -25.78 0.43 -9.26
CA ASN A 254 -25.39 0.93 -7.95
C ASN A 254 -24.29 0.10 -7.29
N GLU A 255 -23.96 -1.07 -7.85
CA GLU A 255 -22.78 -1.80 -7.36
C GLU A 255 -21.51 -0.97 -7.50
N ARG A 256 -21.50 0.00 -8.43
CA ARG A 256 -20.32 0.84 -8.61
C ARG A 256 -19.90 1.53 -7.32
N PHE A 257 -20.87 2.06 -6.57
CA PHE A 257 -20.54 2.72 -5.32
C PHE A 257 -20.90 1.93 -4.07
N ARG A 258 -21.74 0.91 -4.18
CA ARG A 258 -22.02 0.06 -3.02
C ARG A 258 -20.78 -0.67 -2.56
N CYS A 259 -19.90 -1.05 -3.50
CA CYS A 259 -18.73 -1.84 -3.13
C CYS A 259 -17.75 -1.04 -2.27
N PRO A 260 -17.24 0.13 -2.70
CA PRO A 260 -16.33 0.88 -1.83
C PRO A 260 -17.01 1.59 -0.67
N GLU A 261 -18.35 1.67 -0.64
CA GLU A 261 -19.02 2.19 0.55
C GLU A 261 -18.63 1.41 1.79
N THR A 262 -18.24 0.14 1.61
CA THR A 262 -17.84 -0.71 2.72
C THR A 262 -16.66 -0.12 3.50
N LEU A 263 -15.82 0.67 2.84
CA LEU A 263 -14.70 1.30 3.55
C LEU A 263 -15.21 2.24 4.65
N PHE A 264 -16.32 2.92 4.40
CA PHE A 264 -16.91 3.83 5.37
C PHE A 264 -17.92 3.15 6.27
N GLN A 265 -18.50 2.04 5.82
CA GLN A 265 -19.51 1.28 6.57
C GLN A 265 -19.15 -0.19 6.49
N PRO A 266 -18.20 -0.64 7.33
CA PRO A 266 -17.77 -2.05 7.26
C PRO A 266 -18.86 -3.06 7.58
N SER A 267 -19.98 -2.62 8.16
CA SER A 267 -21.06 -3.56 8.45
C SER A 267 -21.64 -4.19 7.18
N PHE A 268 -21.37 -3.62 6.01
CA PHE A 268 -21.88 -4.23 4.79
C PHE A 268 -21.33 -5.63 4.56
N ILE A 269 -20.15 -5.94 5.12
CA ILE A 269 -19.61 -7.29 5.04
C ILE A 269 -19.52 -7.94 6.43
N GLY A 270 -20.30 -7.45 7.39
CA GLY A 270 -20.40 -8.08 8.69
C GLY A 270 -19.34 -7.71 9.68
N MET A 271 -18.59 -6.64 9.45
CA MET A 271 -17.57 -6.17 10.38
C MET A 271 -18.12 -4.97 11.16
N GLU A 272 -18.05 -5.04 12.48
CA GLU A 272 -18.52 -3.95 13.32
C GLU A 272 -17.44 -2.91 13.60
N SER A 273 -16.29 -3.03 12.96
CA SER A 273 -15.22 -2.04 13.13
C SER A 273 -15.64 -0.69 12.56
N ALA A 274 -14.95 0.35 13.01
CA ALA A 274 -15.20 1.69 12.49
C ALA A 274 -14.68 1.83 11.07
N GLY A 275 -15.36 2.67 10.29
CA GLY A 275 -14.95 2.97 8.93
C GLY A 275 -13.73 3.89 8.90
N ILE A 276 -13.24 4.13 7.68
CA ILE A 276 -11.94 4.77 7.54
C ILE A 276 -11.98 6.24 7.93
N HIS A 277 -13.14 6.89 7.81
CA HIS A 277 -13.26 8.25 8.32
C HIS A 277 -13.15 8.25 9.84
N GLU A 278 -13.67 7.22 10.50
CA GLU A 278 -13.66 7.18 11.96
C GLU A 278 -12.31 6.72 12.51
N THR A 279 -11.64 5.79 11.83
CA THR A 279 -10.29 5.42 12.27
C THR A 279 -9.33 6.60 12.09
N THR A 280 -9.52 7.39 11.04
CA THR A 280 -8.70 8.59 10.86
C THR A 280 -8.92 9.57 12.01
N TYR A 281 -10.18 9.83 12.36
CA TYR A 281 -10.48 10.76 13.43
C TYR A 281 -9.99 10.21 14.77
N ASN A 282 -10.20 8.93 15.02
CA ASN A 282 -9.74 8.32 16.27
C ASN A 282 -8.23 8.36 16.37
N SER A 283 -7.54 8.16 15.24
CA SER A 283 -6.07 8.20 15.25
C SER A 283 -5.58 9.59 15.63
N ILE A 284 -6.14 10.63 15.01
CA ILE A 284 -5.75 12.00 15.33
C ILE A 284 -6.04 12.30 16.79
N MET A 285 -7.18 11.84 17.31
CA MET A 285 -7.53 12.12 18.69
CA MET A 285 -7.55 12.11 18.69
C MET A 285 -6.65 11.39 19.69
N LYS A 286 -5.94 10.34 19.26
CA LYS A 286 -4.99 9.67 20.13
C LYS A 286 -3.63 10.36 20.14
N CYS A 287 -3.43 11.38 19.32
CA CYS A 287 -2.19 12.12 19.29
C CYS A 287 -2.27 13.31 20.24
N ASP A 288 -1.10 13.83 20.60
CA ASP A 288 -1.04 15.04 21.42
C ASP A 288 -1.80 16.17 20.74
N ILE A 289 -2.55 16.92 21.55
CA ILE A 289 -3.44 17.95 21.01
C ILE A 289 -2.68 18.96 20.17
N ASP A 290 -1.39 19.20 20.48
CA ASP A 290 -0.64 20.25 19.82
C ASP A 290 -0.19 19.89 18.40
N ILE A 291 -0.28 18.63 18.00
CA ILE A 291 0.03 18.24 16.63
C ILE A 291 -1.21 17.91 15.82
N ARG A 292 -2.39 17.92 16.44
CA ARG A 292 -3.60 17.54 15.71
C ARG A 292 -3.91 18.50 14.58
N LYS A 293 -3.60 19.79 14.75
CA LYS A 293 -3.85 20.76 13.68
C LYS A 293 -3.08 20.39 12.42
N ASP A 294 -1.80 20.05 12.56
CA ASP A 294 -1.00 19.68 11.39
C ASP A 294 -1.43 18.35 10.80
N LEU A 295 -1.95 17.43 11.63
CA LEU A 295 -2.44 16.17 11.11
C LEU A 295 -3.70 16.37 10.28
N TYR A 296 -4.65 17.17 10.79
CA TYR A 296 -5.89 17.43 10.06
C TYR A 296 -5.62 18.05 8.69
N ALA A 297 -4.58 18.87 8.58
CA ALA A 297 -4.28 19.56 7.33
C ALA A 297 -3.37 18.75 6.41
N ASN A 298 -2.95 17.56 6.82
CA ASN A 298 -2.01 16.77 6.03
C ASN A 298 -2.43 15.30 6.01
N ASN A 299 -3.68 15.05 5.63
CA ASN A 299 -4.20 13.69 5.49
CA ASN A 299 -4.20 13.69 5.49
C ASN A 299 -3.82 13.18 4.11
N VAL A 300 -2.91 12.20 4.06
CA VAL A 300 -2.38 11.69 2.81
C VAL A 300 -2.94 10.29 2.56
N MET A 301 -3.53 10.08 1.39
N MET A 301 -3.54 10.10 1.40
CA MET A 301 -4.08 8.79 1.01
CA MET A 301 -4.07 8.79 0.99
C MET A 301 -3.08 8.02 0.16
C MET A 301 -2.99 8.04 0.21
N SER A 302 -2.90 6.73 0.47
CA SER A 302 -1.98 5.90 -0.27
CA SER A 302 -1.94 5.88 -0.21
C SER A 302 -2.50 4.48 -0.32
N GLY A 303 -2.05 3.75 -1.33
CA GLY A 303 -2.47 2.38 -1.53
C GLY A 303 -3.51 2.26 -2.63
N GLY A 304 -3.54 1.09 -3.27
CA GLY A 304 -4.45 0.89 -4.39
C GLY A 304 -5.91 1.04 -4.05
N THR A 305 -6.29 0.72 -2.80
CA THR A 305 -7.70 0.81 -2.42
C THR A 305 -8.14 2.24 -2.11
N THR A 306 -7.23 3.20 -2.10
CA THR A 306 -7.63 4.60 -2.03
C THR A 306 -7.81 5.24 -3.41
N MET A 307 -7.76 4.45 -4.48
CA MET A 307 -7.80 5.00 -5.83
C MET A 307 -9.21 5.33 -6.31
N TYR A 308 -10.25 4.96 -5.57
CA TYR A 308 -11.62 5.16 -6.03
C TYR A 308 -11.88 6.65 -6.29
N PRO A 309 -12.44 7.01 -7.44
CA PRO A 309 -12.91 8.38 -7.62
C PRO A 309 -13.93 8.75 -6.55
N GLY A 310 -13.82 9.99 -6.05
CA GLY A 310 -14.72 10.49 -5.03
C GLY A 310 -14.30 10.24 -3.59
N ILE A 311 -13.22 9.47 -3.37
CA ILE A 311 -12.88 9.10 -2.00
C ILE A 311 -12.38 10.30 -1.21
N ALA A 312 -11.65 11.21 -1.85
CA ALA A 312 -11.12 12.38 -1.15
C ALA A 312 -12.26 13.32 -0.74
N ASP A 313 -13.22 13.54 -1.65
CA ASP A 313 -14.34 14.42 -1.32
C ASP A 313 -15.22 13.84 -0.23
N ARG A 314 -15.37 12.51 -0.19
CA ARG A 314 -16.16 11.90 0.87
C ARG A 314 -15.42 11.94 2.20
N MET A 315 -14.11 11.66 2.19
CA MET A 315 -13.33 11.77 3.42
CA MET A 315 -13.33 11.77 3.42
C MET A 315 -13.37 13.19 3.96
N GLN A 316 -13.26 14.19 3.07
CA GLN A 316 -13.32 15.58 3.49
C GLN A 316 -14.65 15.88 4.18
N LYS A 317 -15.75 15.44 3.57
CA LYS A 317 -17.08 15.64 4.16
C LYS A 317 -17.19 14.95 5.52
N GLU A 318 -16.71 13.71 5.61
CA GLU A 318 -16.91 12.94 6.83
C GLU A 318 -16.02 13.43 7.97
N ILE A 319 -14.76 13.77 7.67
CA ILE A 319 -13.87 14.28 8.70
C ILE A 319 -14.33 15.66 9.16
N THR A 320 -14.79 16.49 8.23
CA THR A 320 -15.35 17.79 8.60
C THR A 320 -16.50 17.63 9.58
N ALA A 321 -17.35 16.63 9.37
CA ALA A 321 -18.46 16.39 10.26
C ALA A 321 -18.01 15.96 11.65
N LEU A 322 -16.81 15.40 11.78
CA LEU A 322 -16.31 14.91 13.06
C LEU A 322 -15.42 15.90 13.79
N ALA A 323 -14.76 16.80 13.07
CA ALA A 323 -13.74 17.68 13.63
C ALA A 323 -14.35 18.99 14.08
N PRO A 324 -13.61 19.80 14.85
CA PRO A 324 -14.11 21.12 15.21
C PRO A 324 -14.42 21.96 13.98
N SER A 325 -15.45 22.81 14.10
CA SER A 325 -15.94 23.57 12.96
C SER A 325 -14.92 24.54 12.40
N THR A 326 -13.93 24.95 13.19
CA THR A 326 -12.91 25.88 12.74
C THR A 326 -11.66 25.20 12.22
N MET A 327 -11.62 23.87 12.21
CA MET A 327 -10.43 23.13 11.80
C MET A 327 -10.30 23.09 10.28
N LYS A 328 -9.11 23.41 9.78
CA LYS A 328 -8.83 23.29 8.36
C LYS A 328 -8.54 21.83 8.02
N ILE A 329 -9.35 21.25 7.13
CA ILE A 329 -9.23 19.85 6.73
C ILE A 329 -8.72 19.80 5.31
N LYS A 330 -7.70 18.97 5.06
CA LYS A 330 -7.16 18.80 3.72
C LYS A 330 -6.86 17.33 3.49
N ILE A 331 -7.44 16.78 2.44
CA ILE A 331 -7.15 15.42 1.98
C ILE A 331 -6.24 15.53 0.77
N ILE A 332 -5.08 14.89 0.84
CA ILE A 332 -4.15 14.83 -0.29
C ILE A 332 -4.20 13.42 -0.86
N ALA A 333 -4.52 13.31 -2.15
CA ALA A 333 -4.67 12.04 -2.83
C ALA A 333 -3.87 12.10 -4.14
N PRO A 334 -2.57 11.82 -4.09
CA PRO A 334 -1.75 11.96 -5.28
C PRO A 334 -2.17 10.96 -6.35
N PRO A 335 -2.06 11.33 -7.62
CA PRO A 335 -2.48 10.40 -8.69
C PRO A 335 -1.67 9.12 -8.72
N GLU A 336 -0.45 9.13 -8.20
CA GLU A 336 0.43 7.97 -8.23
C GLU A 336 0.31 7.09 -7.00
N ARG A 337 -0.74 7.27 -6.18
CA ARG A 337 -0.72 6.75 -4.82
C ARG A 337 -0.82 5.23 -4.73
N LYS A 338 -1.12 4.52 -5.83
CA LYS A 338 -1.00 3.08 -5.74
C LYS A 338 0.45 2.63 -5.71
N TYR A 339 1.39 3.52 -6.02
CA TYR A 339 2.81 3.26 -5.92
C TYR A 339 3.51 4.24 -4.99
N SER A 340 2.75 4.92 -4.12
CA SER A 340 3.31 5.96 -3.28
C SER A 340 4.36 5.41 -2.32
N VAL A 341 4.11 4.24 -1.72
CA VAL A 341 5.09 3.63 -0.83
C VAL A 341 6.41 3.41 -1.56
N TRP A 342 6.34 2.82 -2.76
CA TRP A 342 7.54 2.55 -3.52
C TRP A 342 8.25 3.84 -3.89
N ILE A 343 7.50 4.84 -4.37
CA ILE A 343 8.11 6.10 -4.77
C ILE A 343 8.79 6.76 -3.58
N GLY A 344 8.17 6.67 -2.41
CA GLY A 344 8.81 7.21 -1.21
C GLY A 344 10.11 6.50 -0.88
N GLY A 345 10.15 5.18 -1.07
CA GLY A 345 11.39 4.46 -0.88
C GLY A 345 12.43 4.80 -1.92
N SER A 346 11.98 5.04 -3.16
CA SER A 346 12.90 5.45 -4.22
C SER A 346 13.50 6.81 -3.93
N ILE A 347 12.70 7.73 -3.40
CA ILE A 347 13.22 9.03 -2.99
C ILE A 347 14.20 8.88 -1.85
N LEU A 348 13.78 8.22 -0.77
CA LEU A 348 14.60 8.11 0.42
C LEU A 348 15.96 7.50 0.11
N ALA A 349 15.97 6.37 -0.61
CA ALA A 349 17.20 5.64 -0.86
C ALA A 349 18.13 6.33 -1.84
N SER A 350 17.67 7.37 -2.55
CA SER A 350 18.51 8.10 -3.48
C SER A 350 18.96 9.45 -2.92
N LEU A 351 18.71 9.71 -1.65
CA LEU A 351 19.14 10.94 -1.01
C LEU A 351 20.54 10.77 -0.43
N SER A 352 21.40 11.77 -0.64
CA SER A 352 22.78 11.67 -0.17
C SER A 352 22.85 11.56 1.34
N THR A 353 21.95 12.25 2.05
CA THR A 353 21.95 12.19 3.52
C THR A 353 21.54 10.82 4.05
N PHE A 354 21.00 9.94 3.21
CA PHE A 354 20.59 8.61 3.66
C PHE A 354 21.74 7.62 3.70
N GLN A 355 22.92 7.97 3.15
CA GLN A 355 24.00 7.01 2.99
C GLN A 355 24.41 6.37 4.31
N GLN A 356 24.53 7.17 5.38
CA GLN A 356 24.96 6.65 6.67
C GLN A 356 23.87 5.84 7.36
N MET A 357 22.64 5.88 6.87
CA MET A 357 21.53 5.20 7.52
CA MET A 357 21.56 5.18 7.56
C MET A 357 21.47 3.71 7.18
N TRP A 358 22.06 3.30 6.06
CA TRP A 358 22.04 1.89 5.69
C TRP A 358 22.62 1.03 6.80
N ILE A 359 22.05 -0.15 6.98
CA ILE A 359 22.71 -1.21 7.73
C ILE A 359 23.70 -1.89 6.80
N THR A 360 24.98 -1.85 7.14
CA THR A 360 26.00 -2.48 6.32
C THR A 360 26.24 -3.90 6.79
N LYS A 361 26.68 -4.75 5.87
CA LYS A 361 27.03 -6.13 6.22
C LYS A 361 28.07 -6.16 7.33
N GLN A 362 28.98 -5.18 7.33
CA GLN A 362 29.95 -5.06 8.42
C GLN A 362 29.24 -4.84 9.75
N GLU A 363 28.23 -3.96 9.77
CA GLU A 363 27.47 -3.74 11.00
C GLU A 363 26.70 -4.99 11.41
N TYR A 364 26.17 -5.73 10.42
CA TYR A 364 25.40 -6.93 10.75
C TYR A 364 26.29 -7.99 11.39
N ASP A 365 27.53 -8.15 10.91
CA ASP A 365 28.43 -9.14 11.47
C ASP A 365 28.77 -8.85 12.92
N GLU A 366 28.84 -7.57 13.29
CA GLU A 366 29.18 -7.20 14.66
C GLU A 366 28.01 -7.41 15.61
N ALA A 367 26.82 -6.93 15.22
CA ALA A 367 25.69 -6.89 16.13
C ALA A 367 24.68 -8.02 15.92
N GLY A 368 24.47 -8.46 14.70
CA GLY A 368 23.48 -9.48 14.42
C GLY A 368 22.17 -8.90 13.95
N PRO A 369 21.15 -9.76 13.81
CA PRO A 369 19.88 -9.28 13.24
C PRO A 369 19.20 -8.18 14.04
N SER A 370 19.47 -8.07 15.34
CA SER A 370 18.82 -7.05 16.16
C SER A 370 19.36 -5.65 15.89
N ILE A 371 20.32 -5.49 14.98
CA ILE A 371 20.80 -4.18 14.58
C ILE A 371 19.68 -3.36 13.93
N VAL A 372 18.65 -4.04 13.42
CA VAL A 372 17.56 -3.33 12.74
C VAL A 372 16.77 -2.47 13.72
N HIS A 373 16.72 -2.87 14.99
CA HIS A 373 16.01 -2.06 15.99
C HIS A 373 16.72 -0.74 16.24
N ARG A 374 18.05 -0.72 16.15
CA ARG A 374 18.80 0.51 16.43
C ARG A 374 18.89 1.42 15.21
N LYS A 375 18.84 0.85 14.00
CA LYS A 375 19.07 1.62 12.79
C LYS A 375 17.81 1.94 12.00
N CYS A 376 16.72 1.20 12.21
CA CYS A 376 15.49 1.39 11.44
C CYS A 376 14.35 1.71 12.41
N PHE A 377 13.94 2.97 12.45
CA PHE A 377 12.85 3.39 13.32
C PHE A 377 12.29 4.75 12.87
N PRO B 1 21.38 20.30 13.41
CA PRO B 1 22.58 19.78 14.07
C PRO B 1 22.62 18.26 14.11
N SER B 2 21.49 17.63 13.76
CA SER B 2 21.37 16.18 13.73
CA SER B 2 21.38 16.18 13.73
C SER B 2 21.26 15.70 12.29
N LEU B 3 21.77 14.48 12.05
CA LEU B 3 21.66 13.90 10.72
C LEU B 3 20.19 13.71 10.33
N HIS B 4 19.36 13.32 11.30
CA HIS B 4 17.93 13.13 11.03
C HIS B 4 17.28 14.44 10.60
N ASP B 5 17.68 15.56 11.24
CA ASP B 5 17.13 16.85 10.84
C ASP B 5 17.45 17.16 9.38
N ALA B 6 18.70 16.90 8.96
CA ALA B 6 19.08 17.16 7.58
C ALA B 6 18.33 16.25 6.62
N LEU B 7 18.13 14.98 6.99
CA LEU B 7 17.39 14.07 6.12
C LEU B 7 15.95 14.53 5.93
N MET B 8 15.29 14.96 7.01
CA MET B 8 13.92 15.43 6.88
C MET B 8 13.83 16.66 5.99
N GLU B 9 14.82 17.55 6.11
CA GLU B 9 14.86 18.71 5.22
C GLU B 9 15.06 18.27 3.77
N ALA B 10 15.89 17.26 3.55
CA ALA B 10 16.12 16.76 2.20
C ALA B 10 14.86 16.14 1.60
N ILE B 11 14.03 15.51 2.45
CA ILE B 11 12.79 14.92 1.95
C ILE B 11 11.83 16.02 1.50
N ARG B 12 11.75 17.11 2.26
CA ARG B 12 10.82 18.19 1.93
C ARG B 12 11.22 18.93 0.67
N SER B 13 12.52 19.01 0.38
N SER B 13 12.52 19.00 0.37
CA SER B 13 13.03 19.76 -0.76
CA SER B 13 13.02 19.77 -0.76
C SER B 13 13.56 18.83 -1.85
C SER B 13 13.49 18.87 -1.91
N SER B 14 13.00 17.63 -1.97
CA SER B 14 13.44 16.68 -2.98
C SER B 14 12.76 16.86 -4.33
N GLY B 15 11.68 17.63 -4.40
CA GLY B 15 10.90 17.74 -5.61
C GLY B 15 9.93 16.60 -5.85
N GLY B 16 9.98 15.55 -5.04
CA GLY B 16 9.05 14.44 -5.19
C GLY B 16 9.38 13.59 -6.40
N ARG B 17 8.33 13.01 -6.99
CA ARG B 17 8.50 12.15 -8.17
C ARG B 17 9.02 12.93 -9.37
N GLU B 18 8.94 14.26 -9.31
CA GLU B 18 9.34 15.10 -10.44
C GLU B 18 10.80 14.87 -10.82
N ARG B 19 11.69 14.78 -9.84
CA ARG B 19 13.13 14.69 -10.10
C ARG B 19 13.62 13.26 -10.22
N LEU B 20 12.74 12.28 -10.38
CA LEU B 20 13.14 10.89 -10.52
C LEU B 20 13.13 10.49 -11.98
N ARG B 21 14.07 9.60 -12.33
CA ARG B 21 14.23 9.20 -13.73
C ARG B 21 12.97 8.51 -14.24
N LYS B 22 12.47 8.96 -15.39
CA LYS B 22 11.31 8.34 -16.00
C LYS B 22 11.67 6.95 -16.50
N VAL B 23 11.00 5.93 -15.95
CA VAL B 23 11.19 4.55 -16.36
C VAL B 23 9.83 3.97 -16.73
N THR B 24 9.86 2.80 -17.34
CA THR B 24 8.64 2.08 -17.72
CA THR B 24 8.64 2.08 -17.72
C THR B 24 8.39 0.93 -16.77
N THR B 25 7.14 0.76 -16.37
CA THR B 25 6.74 -0.28 -15.43
C THR B 25 6.21 -1.49 -16.19
N ASN B 26 6.83 -2.65 -15.99
CA ASN B 26 6.25 -3.92 -16.40
C ASN B 26 5.25 -4.33 -15.31
N ASP B 27 4.06 -3.74 -15.40
CA ASP B 27 3.05 -3.88 -14.36
C ASP B 27 2.15 -5.06 -14.71
N ARG B 28 2.13 -6.06 -13.83
CA ARG B 28 1.27 -7.23 -13.96
C ARG B 28 0.36 -7.37 -12.75
N SER B 29 -0.20 -6.25 -12.29
CA SER B 29 -1.07 -6.25 -11.13
C SER B 29 -2.39 -6.95 -11.43
#